data_6CC0
#
_entry.id   6CC0
#
_cell.length_a   57.591
_cell.length_b   91.910
_cell.length_c   93.999
_cell.angle_alpha   90.00
_cell.angle_beta   90.00
_cell.angle_gamma   90.00
#
_symmetry.space_group_name_H-M   'P 21 21 21'
#
loop_
_entity.id
_entity.type
_entity.pdbx_description
1 polymer 'LuxR family transcriptional regulator'
2 non-polymer N-[(3S)-2-oxooxolan-3-yl]dodecanamide
3 water water
#
_entity_poly.entity_id   1
_entity_poly.type   'polypeptide(L)'
_entity_poly.pdbx_seq_one_letter_code
;MHDEREGYLEILSRITTEEEFFSLVLEICGNYGFEFFSFGARAPFPLTAPKYHFLSNYPGEWKSRYISEDYTSIDPIVRH
GLLEYTPLIWNGEDFQENRFFWEEALHHGIRHGWSIPVRGKYGLISMLSLVRSSESIAATEILEKESFLLWITSMLQATF
GDLLAPRIVPESNVRLTARETEMLKWTAVGKTYGEIGLILSIDQRTVKFHIVNAMRKLNSSNKAEATMKAYAIGLLN
;
_entity_poly.pdbx_strand_id   A,B
#
# COMPACT_ATOMS: atom_id res chain seq x y z
N GLU A 4 9.72 18.16 -18.15
CA GLU A 4 8.38 18.36 -17.61
C GLU A 4 7.57 17.09 -17.81
N ARG A 5 6.52 16.96 -17.00
CA ARG A 5 5.95 15.65 -16.75
C ARG A 5 5.21 15.10 -17.95
N GLU A 6 4.78 15.94 -18.88
CA GLU A 6 4.06 15.42 -20.03
C GLU A 6 4.97 14.55 -20.90
N GLY A 7 6.20 14.99 -21.14
CA GLY A 7 7.13 14.16 -21.86
C GLY A 7 7.27 12.79 -21.25
N TYR A 8 7.13 12.69 -19.94
CA TYR A 8 7.48 11.47 -19.21
C TYR A 8 6.41 10.38 -19.36
N LEU A 9 5.13 10.73 -19.16
CA LEU A 9 4.06 9.75 -19.33
C LEU A 9 4.14 9.05 -20.68
N GLU A 10 4.63 9.77 -21.71
CA GLU A 10 4.87 9.12 -23.01
C GLU A 10 6.10 8.23 -22.95
N ILE A 11 7.20 8.71 -22.38
CA ILE A 11 8.39 7.88 -22.29
C ILE A 11 8.10 6.63 -21.49
N LEU A 12 7.22 6.74 -20.49
CA LEU A 12 6.93 5.64 -19.58
C LEU A 12 5.94 4.65 -20.20
N SER A 13 4.96 5.15 -20.95
CA SER A 13 4.00 4.29 -21.63
C SER A 13 4.63 3.38 -22.68
N ARG A 14 5.95 3.52 -22.89
CA ARG A 14 6.66 2.85 -23.98
C ARG A 14 7.88 2.06 -23.52
N ILE A 15 8.24 2.16 -22.24
CA ILE A 15 9.37 1.41 -21.70
C ILE A 15 9.04 -0.08 -21.66
N THR A 16 10.03 -0.92 -22.00
CA THR A 16 9.86 -2.36 -21.88
C THR A 16 11.06 -3.07 -21.27
N THR A 17 12.12 -2.36 -20.88
CA THR A 17 13.33 -2.99 -20.36
C THR A 17 13.87 -2.25 -19.15
N GLU A 18 14.59 -2.98 -18.30
CA GLU A 18 15.16 -2.37 -17.08
C GLU A 18 16.24 -1.35 -17.42
N GLU A 19 16.89 -1.51 -18.56
CA GLU A 19 17.90 -0.53 -18.98
C GLU A 19 17.24 0.75 -19.46
N GLU A 20 16.06 0.65 -20.08
CA GLU A 20 15.27 1.84 -20.36
C GLU A 20 14.91 2.54 -19.05
N PHE A 21 14.36 1.79 -18.10
CA PHE A 21 14.05 2.33 -16.79
C PHE A 21 15.31 2.90 -16.14
N PHE A 22 16.43 2.17 -16.22
CA PHE A 22 17.64 2.62 -15.55
C PHE A 22 18.10 3.97 -16.07
N SER A 23 18.16 4.12 -17.40
CA SER A 23 18.59 5.38 -18.00
C SER A 23 17.57 6.50 -17.78
N LEU A 24 16.27 6.18 -17.77
CA LEU A 24 15.27 7.22 -17.51
C LEU A 24 15.37 7.73 -16.07
N VAL A 25 15.70 6.86 -15.12
CA VAL A 25 15.85 7.32 -13.75
C VAL A 25 17.20 7.96 -13.54
N LEU A 26 18.21 7.55 -14.31
CA LEU A 26 19.50 8.23 -14.28
C LEU A 26 19.38 9.64 -14.83
N GLU A 27 18.44 9.88 -15.74
CA GLU A 27 18.25 11.21 -16.32
C GLU A 27 17.53 12.14 -15.36
N ILE A 28 16.57 11.63 -14.60
CA ILE A 28 15.89 12.47 -13.62
C ILE A 28 16.84 12.88 -12.50
N CYS A 29 17.73 11.95 -12.11
CA CYS A 29 18.77 12.24 -11.12
C CYS A 29 19.61 13.44 -11.52
N GLY A 30 20.14 13.44 -12.75
CA GLY A 30 20.95 14.56 -13.20
C GLY A 30 20.15 15.84 -13.40
N ASN A 31 18.94 15.72 -13.93
CA ASN A 31 18.14 16.90 -14.22
C ASN A 31 17.52 17.51 -12.96
N TYR A 32 17.70 16.89 -11.80
CA TYR A 32 17.24 17.45 -10.54
C TYR A 32 18.37 17.59 -9.53
N GLY A 33 19.62 17.49 -9.98
CA GLY A 33 20.76 17.92 -9.19
C GLY A 33 21.33 16.89 -8.23
N PHE A 34 21.39 15.63 -8.64
CA PHE A 34 21.85 14.57 -7.75
C PHE A 34 22.91 13.73 -8.44
N GLU A 35 23.81 13.20 -7.62
N GLU A 35 23.79 13.16 -7.62
CA GLU A 35 24.94 12.40 -8.08
CA GLU A 35 24.91 12.39 -8.14
C GLU A 35 24.58 10.92 -8.22
C GLU A 35 24.64 10.90 -8.19
N PHE A 36 23.72 10.42 -7.36
CA PHE A 36 23.36 9.02 -7.32
C PHE A 36 21.84 8.87 -7.32
N PHE A 37 21.39 7.64 -7.59
CA PHE A 37 19.99 7.27 -7.45
C PHE A 37 19.90 5.81 -7.04
N SER A 38 18.77 5.44 -6.42
CA SER A 38 18.35 4.05 -6.33
C SER A 38 16.83 4.00 -6.46
N PHE A 39 16.35 3.01 -7.21
CA PHE A 39 14.93 2.71 -7.25
C PHE A 39 14.76 1.22 -7.06
N GLY A 40 13.72 0.83 -6.33
CA GLY A 40 13.57 -0.59 -6.11
C GLY A 40 12.22 -0.92 -5.53
N ALA A 41 11.97 -2.22 -5.39
CA ALA A 41 10.75 -2.68 -4.77
C ALA A 41 11.07 -3.84 -3.82
N ARG A 42 10.21 -4.02 -2.82
CA ARG A 42 10.28 -5.17 -1.93
C ARG A 42 9.13 -6.11 -2.27
N ALA A 43 9.48 -7.32 -2.69
CA ALA A 43 8.47 -8.34 -2.90
C ALA A 43 7.85 -8.71 -1.57
N PRO A 44 6.53 -8.95 -1.52
CA PRO A 44 5.88 -9.25 -0.24
C PRO A 44 6.18 -10.63 0.32
N PHE A 45 6.65 -11.56 -0.51
CA PHE A 45 6.99 -12.93 -0.13
C PHE A 45 8.47 -13.17 -0.33
N PRO A 46 9.02 -14.17 0.39
CA PRO A 46 8.33 -14.79 1.52
C PRO A 46 8.35 -13.84 2.71
N LEU A 47 7.32 -13.87 3.56
CA LEU A 47 7.32 -12.99 4.72
C LEU A 47 8.57 -13.16 5.54
N THR A 48 9.06 -14.40 5.63
CA THR A 48 10.16 -14.69 6.56
C THR A 48 11.47 -14.09 6.07
N ALA A 49 11.71 -14.08 4.76
CA ALA A 49 12.90 -13.46 4.18
C ALA A 49 12.54 -12.84 2.83
N PRO A 50 11.87 -11.70 2.83
CA PRO A 50 11.38 -11.14 1.56
C PRO A 50 12.52 -10.53 0.77
N LYS A 51 12.37 -10.57 -0.55
CA LYS A 51 13.46 -10.24 -1.45
C LYS A 51 13.30 -8.82 -1.98
N TYR A 52 14.42 -8.15 -2.17
CA TYR A 52 14.46 -6.81 -2.76
C TYR A 52 15.01 -6.88 -4.18
N HIS A 53 14.46 -6.05 -5.06
N HIS A 53 14.52 -5.98 -5.03
CA HIS A 53 15.00 -5.87 -6.40
CA HIS A 53 14.98 -5.88 -6.42
C HIS A 53 15.09 -4.38 -6.68
C HIS A 53 15.08 -4.40 -6.77
N PHE A 54 16.31 -3.88 -6.84
CA PHE A 54 16.56 -2.47 -7.02
C PHE A 54 17.66 -2.19 -8.04
N LEU A 55 17.68 -0.96 -8.53
CA LEU A 55 18.71 -0.41 -9.40
C LEU A 55 19.41 0.75 -8.70
N SER A 56 20.66 1.00 -9.07
CA SER A 56 21.37 2.20 -8.62
C SER A 56 22.60 2.42 -9.49
N ASN A 57 23.21 3.58 -9.31
CA ASN A 57 24.48 3.91 -9.96
C ASN A 57 25.57 4.19 -8.94
N TYR A 58 25.39 3.74 -7.70
CA TYR A 58 26.41 3.80 -6.67
C TYR A 58 27.71 3.18 -7.15
N PRO A 59 28.85 3.57 -6.59
CA PRO A 59 30.11 2.87 -6.88
C PRO A 59 29.93 1.36 -6.77
N GLY A 60 30.49 0.63 -7.74
CA GLY A 60 30.39 -0.82 -7.71
C GLY A 60 30.98 -1.42 -6.45
N GLU A 61 31.99 -0.77 -5.88
CA GLU A 61 32.49 -1.20 -4.57
C GLU A 61 31.41 -1.11 -3.50
N TRP A 62 30.44 -0.20 -3.69
CA TRP A 62 29.33 -0.05 -2.76
C TRP A 62 28.16 -0.97 -3.09
N LYS A 63 27.96 -1.28 -4.38
CA LYS A 63 26.87 -2.15 -4.77
C LYS A 63 27.10 -3.59 -4.29
N SER A 64 28.29 -4.12 -4.51
CA SER A 64 28.62 -5.44 -4.00
C SER A 64 28.59 -5.47 -2.47
N ARG A 65 29.11 -4.41 -1.84
CA ARG A 65 29.16 -4.35 -0.38
C ARG A 65 27.75 -4.33 0.22
N TYR A 66 26.84 -3.58 -0.40
CA TYR A 66 25.45 -3.52 0.04
C TYR A 66 24.78 -4.87 -0.05
N ILE A 67 25.18 -5.68 -1.04
CA ILE A 67 24.62 -7.02 -1.18
C ILE A 67 25.33 -8.00 -0.24
N SER A 68 26.67 -8.04 -0.32
CA SER A 68 27.43 -9.00 0.48
C SER A 68 27.15 -8.86 1.98
N GLU A 69 26.91 -7.63 2.43
CA GLU A 69 26.58 -7.35 3.82
C GLU A 69 25.09 -7.45 4.12
N ASP A 70 24.26 -7.61 3.09
CA ASP A 70 22.79 -7.65 3.22
C ASP A 70 22.26 -6.36 3.85
N TYR A 71 22.73 -5.22 3.33
CA TYR A 71 22.45 -3.94 4.00
C TYR A 71 20.98 -3.53 3.91
N THR A 72 20.16 -4.20 3.09
CA THR A 72 18.74 -3.93 3.08
C THR A 72 18.10 -4.20 4.44
N SER A 73 18.76 -4.96 5.30
CA SER A 73 18.16 -5.30 6.59
C SER A 73 18.47 -4.28 7.69
N ILE A 74 19.50 -3.46 7.56
CA ILE A 74 19.76 -2.41 8.54
C ILE A 74 19.61 -1.00 7.99
N ASP A 75 19.56 -0.83 6.67
CA ASP A 75 19.50 0.50 6.06
C ASP A 75 18.30 1.27 6.57
N PRO A 76 18.50 2.33 7.35
CA PRO A 76 17.35 3.03 7.95
C PRO A 76 16.48 3.71 6.92
N ILE A 77 17.04 4.02 5.75
CA ILE A 77 16.25 4.61 4.68
C ILE A 77 15.21 3.62 4.15
N VAL A 78 15.65 2.38 3.88
CA VAL A 78 14.75 1.27 3.63
C VAL A 78 13.77 1.08 4.80
N ARG A 79 14.29 0.99 6.03
CA ARG A 79 13.41 0.75 7.17
C ARG A 79 12.40 1.88 7.35
N HIS A 80 12.80 3.12 7.02
CA HIS A 80 11.83 4.19 7.04
C HIS A 80 10.69 3.94 6.06
N GLY A 81 11.02 3.53 4.83
CA GLY A 81 9.99 3.31 3.82
C GLY A 81 9.01 2.19 4.15
N LEU A 82 9.51 1.10 4.75
CA LEU A 82 8.61 0.00 5.09
C LEU A 82 7.62 0.40 6.18
N LEU A 83 8.08 1.16 7.18
CA LEU A 83 7.28 1.46 8.37
C LEU A 83 6.54 2.78 8.26
N GLU A 84 7.14 3.78 7.63
CA GLU A 84 6.49 5.05 7.41
C GLU A 84 6.04 5.15 5.97
N TYR A 85 4.90 5.79 5.77
CA TYR A 85 4.36 5.99 4.43
C TYR A 85 4.66 7.39 3.92
N THR A 86 5.69 8.04 4.47
CA THR A 86 6.03 9.42 4.19
C THR A 86 7.42 9.48 3.57
N PRO A 87 7.72 10.51 2.79
CA PRO A 87 9.08 10.67 2.27
C PRO A 87 10.06 11.14 3.34
N LEU A 88 11.32 10.79 3.15
CA LEU A 88 12.38 11.08 4.11
C LEU A 88 13.47 11.89 3.42
N ILE A 89 13.80 13.05 3.99
CA ILE A 89 14.98 13.81 3.60
C ILE A 89 16.08 13.52 4.63
N TRP A 90 17.25 13.13 4.15
CA TRP A 90 18.23 12.63 5.10
C TRP A 90 19.64 13.11 4.77
N ASN A 91 20.46 13.02 5.82
CA ASN A 91 21.87 13.42 5.80
C ASN A 91 22.60 12.31 6.56
N GLY A 92 23.44 11.56 5.84
CA GLY A 92 24.07 10.38 6.42
C GLY A 92 24.76 10.64 7.74
N GLU A 93 25.48 11.77 7.83
CA GLU A 93 26.26 12.07 9.03
C GLU A 93 25.38 12.30 10.27
N ASP A 94 24.07 12.46 10.11
CA ASP A 94 23.18 12.64 11.25
C ASP A 94 22.87 11.34 11.99
N PHE A 95 23.07 10.18 11.35
CA PHE A 95 22.63 8.91 11.91
C PHE A 95 23.66 8.39 12.92
N GLN A 96 23.21 8.19 14.16
N GLN A 96 23.19 8.19 14.16
CA GLN A 96 24.10 7.68 15.19
CA GLN A 96 24.05 7.70 15.24
C GLN A 96 24.03 6.17 15.34
C GLN A 96 23.98 6.19 15.41
N GLU A 97 22.95 5.54 14.86
CA GLU A 97 22.85 4.10 14.81
C GLU A 97 23.57 3.55 13.58
N ASN A 98 23.79 2.23 13.58
CA ASN A 98 24.51 1.51 12.53
C ASN A 98 25.62 2.38 11.97
N ARG A 99 26.63 2.65 12.79
CA ARG A 99 27.63 3.64 12.41
C ARG A 99 28.51 3.13 11.28
N PHE A 100 28.92 1.86 11.34
CA PHE A 100 29.81 1.30 10.33
C PHE A 100 29.20 1.39 8.94
N PHE A 101 27.90 1.09 8.83
CA PHE A 101 27.16 1.25 7.59
C PHE A 101 27.34 2.65 7.01
N TRP A 102 27.09 3.68 7.83
CA TRP A 102 27.16 5.06 7.34
C TRP A 102 28.58 5.52 7.07
N GLU A 103 29.56 5.06 7.83
CA GLU A 103 30.95 5.38 7.49
C GLU A 103 31.29 4.89 6.09
N GLU A 104 30.91 3.65 5.77
CA GLU A 104 31.19 3.11 4.44
C GLU A 104 30.39 3.82 3.36
N ALA A 105 29.14 4.16 3.63
CA ALA A 105 28.33 4.82 2.61
C ALA A 105 28.76 6.27 2.44
N LEU A 106 29.05 6.95 3.55
CA LEU A 106 29.55 8.32 3.44
C LEU A 106 30.91 8.34 2.76
N HIS A 107 31.67 7.24 2.86
CA HIS A 107 32.91 7.12 2.13
C HIS A 107 32.69 7.20 0.62
N HIS A 108 31.54 6.72 0.12
CA HIS A 108 31.23 6.76 -1.30
C HIS A 108 30.47 8.01 -1.72
N GLY A 109 30.23 8.96 -0.81
CA GLY A 109 29.51 10.17 -1.13
C GLY A 109 28.00 10.00 -1.15
N ILE A 110 27.49 8.98 -0.49
CA ILE A 110 26.03 8.78 -0.39
C ILE A 110 25.61 9.48 0.90
N ARG A 111 25.41 10.80 0.80
CA ARG A 111 25.36 11.64 2.00
C ARG A 111 24.06 12.43 2.13
N HIS A 112 23.63 13.13 1.07
CA HIS A 112 22.48 14.02 1.09
C HIS A 112 21.38 13.45 0.21
N GLY A 113 20.32 12.93 0.83
CA GLY A 113 19.40 12.07 0.15
C GLY A 113 17.95 12.49 0.32
N TRP A 114 17.13 12.00 -0.59
CA TRP A 114 15.69 12.24 -0.64
C TRP A 114 15.02 10.96 -1.12
N SER A 115 14.20 10.35 -0.27
CA SER A 115 13.65 9.02 -0.52
C SER A 115 12.14 9.08 -0.43
N ILE A 116 11.47 8.67 -1.49
CA ILE A 116 10.01 8.63 -1.55
C ILE A 116 9.57 7.17 -1.54
N PRO A 117 8.79 6.70 -0.52
CA PRO A 117 8.20 5.35 -0.60
C PRO A 117 6.76 5.37 -1.12
N VAL A 118 6.41 4.39 -1.94
CA VAL A 118 5.06 4.28 -2.49
C VAL A 118 4.64 2.82 -2.46
N ARG A 119 3.37 2.59 -2.14
CA ARG A 119 2.78 1.26 -2.22
C ARG A 119 2.18 1.05 -3.60
N GLY A 120 2.29 -0.17 -4.11
CA GLY A 120 1.77 -0.45 -5.43
C GLY A 120 1.01 -1.75 -5.53
N LYS A 121 0.78 -2.21 -6.77
CA LYS A 121 0.02 -3.44 -6.96
C LYS A 121 0.74 -4.61 -6.29
N TYR A 122 -0.04 -5.60 -5.89
CA TYR A 122 0.48 -6.91 -5.48
C TYR A 122 1.16 -6.89 -4.13
N GLY A 123 0.88 -5.88 -3.29
CA GLY A 123 1.61 -5.69 -2.05
C GLY A 123 3.04 -5.20 -2.19
N LEU A 124 3.48 -4.87 -3.40
CA LEU A 124 4.81 -4.30 -3.59
C LEU A 124 4.92 -2.99 -2.85
N ILE A 125 6.13 -2.70 -2.38
CA ILE A 125 6.48 -1.44 -1.75
C ILE A 125 7.75 -0.99 -2.45
N SER A 126 7.74 0.24 -2.95
CA SER A 126 8.82 0.76 -3.80
C SER A 126 9.40 2.02 -3.17
N MET A 127 10.58 2.43 -3.64
CA MET A 127 11.21 3.64 -3.12
C MET A 127 12.19 4.19 -4.14
N LEU A 128 12.01 5.47 -4.49
CA LEU A 128 13.02 6.28 -5.16
C LEU A 128 13.87 7.05 -4.15
N SER A 129 15.18 6.95 -4.29
CA SER A 129 16.11 7.75 -3.51
C SER A 129 17.03 8.46 -4.49
N LEU A 130 17.26 9.75 -4.24
CA LEU A 130 18.25 10.55 -4.96
C LEU A 130 19.25 11.13 -3.97
N VAL A 131 20.54 11.10 -4.32
CA VAL A 131 21.60 11.41 -3.37
C VAL A 131 22.65 12.28 -4.04
N ARG A 132 23.38 13.05 -3.24
CA ARG A 132 24.58 13.73 -3.69
C ARG A 132 25.55 13.82 -2.53
N SER A 133 26.83 14.02 -2.85
CA SER A 133 27.85 14.00 -1.80
C SER A 133 27.94 15.31 -1.02
N SER A 134 27.46 16.43 -1.57
CA SER A 134 27.52 17.72 -0.90
C SER A 134 26.23 18.50 -1.14
N GLU A 135 26.15 19.67 -0.52
CA GLU A 135 24.98 20.54 -0.55
C GLU A 135 23.78 19.84 0.09
N SER A 136 23.44 20.25 1.32
CA SER A 136 22.26 19.73 1.99
C SER A 136 21.00 20.09 1.22
N ILE A 137 19.95 19.30 1.43
CA ILE A 137 18.69 19.53 0.76
C ILE A 137 17.86 20.51 1.59
N ALA A 138 17.76 21.74 1.11
CA ALA A 138 17.17 22.83 1.86
C ALA A 138 15.69 22.97 1.53
N ALA A 139 14.95 23.59 2.46
CA ALA A 139 13.49 23.57 2.43
C ALA A 139 12.91 24.29 1.22
N THR A 140 13.65 25.23 0.61
CA THR A 140 13.17 25.85 -0.63
C THR A 140 13.33 24.89 -1.81
N GLU A 141 14.46 24.20 -1.87
CA GLU A 141 14.65 23.16 -2.87
C GLU A 141 13.59 22.07 -2.73
N ILE A 142 13.21 21.74 -1.51
CA ILE A 142 12.13 20.78 -1.27
C ILE A 142 10.85 21.26 -1.94
N LEU A 143 10.39 22.46 -1.58
CA LEU A 143 9.17 23.00 -2.16
C LEU A 143 9.26 23.12 -3.68
N GLU A 144 10.43 23.51 -4.19
N GLU A 144 10.44 23.49 -4.19
CA GLU A 144 10.58 23.68 -5.63
CA GLU A 144 10.58 23.68 -5.63
C GLU A 144 10.37 22.37 -6.38
C GLU A 144 10.42 22.38 -6.41
N LYS A 145 10.87 21.26 -5.82
CA LYS A 145 10.91 19.99 -6.53
C LYS A 145 10.10 18.88 -5.90
N GLU A 146 9.33 19.16 -4.84
CA GLU A 146 8.62 18.09 -4.15
C GLU A 146 7.50 17.52 -5.02
N SER A 147 6.66 18.40 -5.59
CA SER A 147 5.50 17.96 -6.35
C SER A 147 5.87 16.94 -7.40
N PHE A 148 6.90 17.24 -8.19
N PHE A 148 6.90 17.24 -8.19
CA PHE A 148 7.27 16.38 -9.30
CA PHE A 148 7.26 16.37 -9.30
C PHE A 148 7.84 15.06 -8.82
C PHE A 148 7.83 15.05 -8.81
N LEU A 149 8.60 15.08 -7.72
CA LEU A 149 9.26 13.87 -7.25
C LEU A 149 8.25 12.87 -6.73
N LEU A 150 7.29 13.31 -5.91
CA LEU A 150 6.23 12.40 -5.50
C LEU A 150 5.41 11.93 -6.68
N TRP A 151 5.17 12.81 -7.65
CA TRP A 151 4.40 12.45 -8.82
C TRP A 151 5.12 11.37 -9.62
N ILE A 152 6.39 11.62 -9.94
CA ILE A 152 7.14 10.70 -10.77
C ILE A 152 7.39 9.38 -10.06
N THR A 153 7.38 9.36 -8.73
CA THR A 153 7.60 8.09 -8.05
C THR A 153 6.41 7.16 -8.22
N SER A 154 5.20 7.71 -8.13
CA SER A 154 4.02 6.90 -8.36
C SER A 154 3.98 6.37 -9.78
N MET A 155 4.55 7.13 -10.72
CA MET A 155 4.62 6.70 -12.12
C MET A 155 5.67 5.63 -12.32
N LEU A 156 6.84 5.83 -11.71
CA LEU A 156 7.93 4.85 -11.82
C LEU A 156 7.55 3.51 -11.23
N GLN A 157 6.76 3.49 -10.16
CA GLN A 157 6.51 2.21 -9.51
C GLN A 157 5.51 1.39 -10.31
N ALA A 158 4.53 2.07 -10.93
CA ALA A 158 3.62 1.40 -11.85
C ALA A 158 4.42 0.69 -12.94
N THR A 159 5.29 1.43 -13.64
CA THR A 159 6.11 0.86 -14.68
C THR A 159 7.07 -0.19 -14.15
N PHE A 160 7.71 0.06 -13.01
CA PHE A 160 8.62 -0.94 -12.45
C PHE A 160 7.86 -2.20 -12.05
N GLY A 161 6.66 -2.03 -11.49
CA GLY A 161 5.83 -3.18 -11.19
C GLY A 161 5.34 -3.91 -12.43
N ASP A 162 4.93 -3.17 -13.46
CA ASP A 162 4.61 -3.79 -14.74
C ASP A 162 5.76 -4.66 -15.19
N LEU A 163 6.98 -4.13 -15.08
CA LEU A 163 8.16 -4.79 -15.62
C LEU A 163 8.50 -6.03 -14.83
N LEU A 164 8.64 -5.89 -13.52
CA LEU A 164 9.30 -6.90 -12.71
C LEU A 164 8.35 -7.77 -11.91
N ALA A 165 7.05 -7.46 -11.88
CA ALA A 165 6.12 -8.30 -11.13
C ALA A 165 6.12 -9.75 -11.60
N PRO A 166 6.11 -10.06 -12.91
CA PRO A 166 6.05 -11.49 -13.31
C PRO A 166 7.20 -12.32 -12.78
N ARG A 167 8.33 -11.67 -12.47
CA ARG A 167 9.50 -12.35 -11.97
C ARG A 167 9.60 -12.30 -10.45
N ILE A 168 9.38 -11.12 -9.84
CA ILE A 168 9.59 -10.99 -8.39
C ILE A 168 8.33 -11.26 -7.59
N VAL A 169 7.18 -11.37 -8.22
CA VAL A 169 6.02 -11.96 -7.54
C VAL A 169 5.21 -12.72 -8.60
N PRO A 170 5.69 -13.89 -9.02
CA PRO A 170 5.03 -14.61 -10.12
C PRO A 170 3.60 -15.01 -9.81
N GLU A 171 3.21 -15.03 -8.54
CA GLU A 171 1.85 -15.34 -8.18
C GLU A 171 0.87 -14.23 -8.53
N SER A 172 1.38 -13.05 -8.95
CA SER A 172 0.51 -11.90 -9.20
C SER A 172 -0.40 -12.11 -10.42
N ASN A 173 -0.06 -13.03 -11.31
CA ASN A 173 -0.91 -13.38 -12.45
C ASN A 173 -1.97 -14.42 -12.11
N VAL A 174 -1.93 -14.99 -10.90
CA VAL A 174 -2.87 -16.04 -10.52
C VAL A 174 -4.29 -15.49 -10.47
N ARG A 175 -5.22 -16.21 -11.10
CA ARG A 175 -6.62 -15.91 -10.96
C ARG A 175 -7.24 -17.02 -10.13
N LEU A 176 -8.13 -16.62 -9.22
CA LEU A 176 -8.75 -17.55 -8.30
C LEU A 176 -10.24 -17.61 -8.61
N THR A 177 -10.80 -18.82 -8.48
CA THR A 177 -12.22 -19.02 -8.62
C THR A 177 -12.97 -18.27 -7.53
N ALA A 178 -14.25 -17.99 -7.80
CA ALA A 178 -15.10 -17.44 -6.74
C ALA A 178 -15.03 -18.29 -5.50
N ARG A 179 -15.28 -19.60 -5.64
CA ARG A 179 -15.22 -20.51 -4.50
C ARG A 179 -13.85 -20.51 -3.85
N GLU A 180 -12.79 -20.61 -4.65
CA GLU A 180 -11.42 -20.60 -4.11
C GLU A 180 -11.16 -19.34 -3.29
N THR A 181 -11.60 -18.19 -3.80
CA THR A 181 -11.44 -16.93 -3.09
C THR A 181 -12.07 -16.99 -1.71
N GLU A 182 -13.26 -17.57 -1.60
CA GLU A 182 -13.91 -17.46 -0.30
C GLU A 182 -13.50 -18.54 0.69
N MET A 183 -13.00 -19.69 0.22
CA MET A 183 -12.41 -20.62 1.17
C MET A 183 -11.13 -20.03 1.77
N LEU A 184 -10.44 -19.18 1.01
CA LEU A 184 -9.25 -18.54 1.54
C LEU A 184 -9.61 -17.38 2.47
N LYS A 185 -10.71 -16.67 2.20
CA LYS A 185 -11.15 -15.65 3.15
C LYS A 185 -11.53 -16.26 4.49
N TRP A 186 -12.20 -17.42 4.48
CA TRP A 186 -12.57 -18.04 5.75
C TRP A 186 -11.37 -18.68 6.42
N THR A 187 -10.40 -19.16 5.65
CA THR A 187 -9.16 -19.67 6.21
C THR A 187 -8.33 -18.55 6.84
N ALA A 188 -8.50 -17.32 6.35
CA ALA A 188 -7.78 -16.16 6.87
C ALA A 188 -8.16 -15.81 8.31
N VAL A 189 -9.35 -16.21 8.78
CA VAL A 189 -9.67 -16.08 10.19
C VAL A 189 -9.52 -17.41 10.92
N GLY A 190 -8.90 -18.41 10.29
CA GLY A 190 -8.58 -19.64 10.98
C GLY A 190 -9.69 -20.67 11.13
N LYS A 191 -10.73 -20.60 10.30
CA LYS A 191 -11.79 -21.60 10.30
C LYS A 191 -11.27 -22.93 9.78
N THR A 192 -11.76 -24.02 10.36
CA THR A 192 -11.38 -25.34 9.91
C THR A 192 -12.19 -25.74 8.68
N TYR A 193 -11.74 -26.80 8.00
CA TYR A 193 -12.49 -27.31 6.87
C TYR A 193 -13.92 -27.60 7.26
N GLY A 194 -14.11 -28.33 8.36
CA GLY A 194 -15.45 -28.57 8.87
C GLY A 194 -16.19 -27.29 9.20
N GLU A 195 -15.52 -26.37 9.90
CA GLU A 195 -16.15 -25.08 10.23
C GLU A 195 -16.55 -24.33 8.97
N ILE A 196 -15.70 -24.37 7.94
CA ILE A 196 -16.03 -23.70 6.68
C ILE A 196 -17.21 -24.40 6.01
N GLY A 197 -17.18 -25.73 5.96
CA GLY A 197 -18.29 -26.51 5.45
C GLY A 197 -19.61 -26.11 6.06
N LEU A 198 -19.72 -26.12 7.39
CA LEU A 198 -20.99 -25.77 8.04
C LEU A 198 -21.42 -24.35 7.72
N ILE A 199 -20.47 -23.44 7.50
CA ILE A 199 -20.82 -22.07 7.18
C ILE A 199 -21.44 -22.00 5.80
N LEU A 200 -20.80 -22.62 4.81
CA LEU A 200 -21.28 -22.62 3.43
C LEU A 200 -22.26 -23.76 3.15
N SER A 201 -22.42 -24.68 4.09
CA SER A 201 -23.26 -25.87 3.92
C SER A 201 -22.83 -26.66 2.69
N ILE A 202 -21.56 -27.06 2.72
CA ILE A 202 -20.96 -27.97 1.76
C ILE A 202 -20.07 -28.93 2.53
N ASP A 203 -19.54 -29.92 1.82
N ASP A 203 -19.54 -29.92 1.81
CA ASP A 203 -18.76 -30.99 2.42
CA ASP A 203 -18.77 -30.99 2.42
C ASP A 203 -17.32 -30.56 2.63
C ASP A 203 -17.32 -30.57 2.62
N GLN A 204 -16.69 -31.12 3.66
CA GLN A 204 -15.29 -30.82 3.97
C GLN A 204 -14.40 -31.01 2.75
N ARG A 205 -14.57 -32.14 2.05
CA ARG A 205 -13.70 -32.47 0.93
C ARG A 205 -13.85 -31.52 -0.24
N THR A 206 -14.99 -30.83 -0.36
CA THR A 206 -15.08 -29.85 -1.42
C THR A 206 -14.41 -28.55 -1.00
N VAL A 207 -14.50 -28.20 0.29
CA VAL A 207 -13.65 -27.14 0.84
C VAL A 207 -12.19 -27.43 0.54
N LYS A 208 -11.74 -28.65 0.87
CA LYS A 208 -10.33 -28.96 0.73
C LYS A 208 -9.88 -28.93 -0.74
N PHE A 209 -10.76 -29.30 -1.67
CA PHE A 209 -10.38 -29.27 -3.09
C PHE A 209 -10.11 -27.85 -3.55
N HIS A 210 -10.96 -26.91 -3.18
CA HIS A 210 -10.71 -25.53 -3.56
C HIS A 210 -9.41 -25.03 -2.96
N ILE A 211 -9.13 -25.43 -1.72
CA ILE A 211 -7.90 -24.97 -1.06
C ILE A 211 -6.69 -25.58 -1.73
N VAL A 212 -6.75 -26.88 -2.06
CA VAL A 212 -5.60 -27.56 -2.67
C VAL A 212 -5.31 -26.98 -4.05
N ASN A 213 -6.34 -26.59 -4.79
CA ASN A 213 -6.14 -26.02 -6.11
C ASN A 213 -5.57 -24.61 -6.04
N ALA A 214 -6.03 -23.83 -5.06
CA ALA A 214 -5.47 -22.50 -4.83
C ALA A 214 -4.03 -22.59 -4.35
N MET A 215 -3.74 -23.54 -3.45
CA MET A 215 -2.36 -23.79 -3.01
C MET A 215 -1.42 -24.00 -4.18
N ARG A 216 -1.81 -24.82 -5.14
CA ARG A 216 -0.97 -25.03 -6.32
C ARG A 216 -0.82 -23.74 -7.11
N LYS A 217 -1.95 -23.14 -7.52
CA LYS A 217 -1.90 -21.85 -8.20
C LYS A 217 -0.97 -20.88 -7.49
N LEU A 218 -1.09 -20.79 -6.17
CA LEU A 218 -0.25 -19.87 -5.40
C LEU A 218 1.09 -20.48 -5.01
N ASN A 219 1.41 -21.66 -5.55
CA ASN A 219 2.71 -22.31 -5.32
C ASN A 219 3.05 -22.39 -3.84
N SER A 220 2.05 -22.66 -3.01
CA SER A 220 2.24 -22.76 -1.57
C SER A 220 2.03 -24.21 -1.14
N SER A 221 2.67 -24.58 -0.05
CA SER A 221 2.59 -25.95 0.44
C SER A 221 1.56 -26.13 1.56
N ASN A 222 0.99 -25.05 2.10
CA ASN A 222 -0.09 -25.19 3.05
C ASN A 222 -1.07 -24.03 2.90
N LYS A 223 -2.27 -24.22 3.47
CA LYS A 223 -3.35 -23.27 3.26
C LYS A 223 -3.08 -21.91 3.92
N ALA A 224 -2.33 -21.91 5.04
CA ALA A 224 -1.93 -20.66 5.68
C ALA A 224 -1.04 -19.83 4.78
N GLU A 225 0.05 -20.43 4.29
CA GLU A 225 0.95 -19.75 3.38
C GLU A 225 0.21 -19.23 2.16
N ALA A 226 -0.68 -20.04 1.59
CA ALA A 226 -1.43 -19.63 0.40
C ALA A 226 -2.39 -18.49 0.72
N THR A 227 -3.03 -18.54 1.89
CA THR A 227 -3.94 -17.46 2.27
C THR A 227 -3.18 -16.16 2.48
N MET A 228 -2.01 -16.24 3.09
CA MET A 228 -1.17 -15.05 3.25
C MET A 228 -0.76 -14.49 1.91
N LYS A 229 -0.36 -15.37 0.97
CA LYS A 229 0.00 -14.92 -0.37
C LYS A 229 -1.18 -14.31 -1.10
N ALA A 230 -2.32 -15.01 -1.12
CA ALA A 230 -3.53 -14.46 -1.74
C ALA A 230 -3.89 -13.12 -1.13
N TYR A 231 -3.81 -13.01 0.20
CA TYR A 231 -4.14 -11.72 0.81
C TYR A 231 -3.19 -10.64 0.34
N ALA A 232 -1.89 -10.90 0.46
CA ALA A 232 -0.87 -9.90 0.15
C ALA A 232 -0.95 -9.41 -1.29
N ILE A 233 -1.24 -10.31 -2.22
CA ILE A 233 -1.32 -9.94 -3.63
C ILE A 233 -2.52 -9.04 -3.90
N GLY A 234 -3.65 -9.32 -3.25
CA GLY A 234 -4.87 -8.58 -3.50
C GLY A 234 -6.04 -9.43 -3.96
N LEU A 235 -5.88 -10.75 -3.95
CA LEU A 235 -6.94 -11.62 -4.44
C LEU A 235 -8.12 -11.73 -3.48
N LEU A 236 -8.00 -11.18 -2.26
CA LEU A 236 -9.06 -11.28 -1.26
C LEU A 236 -9.41 -9.84 -0.89
N ASN A 237 -10.45 -9.31 -1.52
CA ASN A 237 -10.83 -7.91 -1.38
C ASN A 237 -12.31 -7.72 -1.64
N ARG B 5 0.04 24.37 -1.02
CA ARG B 5 -0.01 23.43 0.11
C ARG B 5 -0.09 24.21 1.41
N GLU B 6 -0.18 25.52 1.29
CA GLU B 6 0.03 26.41 2.42
C GLU B 6 -1.20 26.45 3.32
N GLY B 7 -0.96 26.30 4.62
CA GLY B 7 -2.01 26.30 5.61
C GLY B 7 -2.65 24.96 5.87
N TYR B 8 -2.57 24.03 4.89
CA TYR B 8 -3.30 22.77 5.03
C TYR B 8 -2.73 21.92 6.15
N LEU B 9 -1.40 21.88 6.30
CA LEU B 9 -0.82 21.15 7.42
C LEU B 9 -1.32 21.70 8.75
N GLU B 10 -1.57 23.01 8.81
CA GLU B 10 -2.03 23.63 10.03
C GLU B 10 -3.48 23.27 10.33
N ILE B 11 -4.34 23.24 9.30
CA ILE B 11 -5.75 22.93 9.52
C ILE B 11 -5.94 21.45 9.83
N LEU B 12 -5.16 20.57 9.20
CA LEU B 12 -5.33 19.15 9.44
C LEU B 12 -4.93 18.74 10.86
N SER B 13 -4.12 19.56 11.54
CA SER B 13 -3.74 19.26 12.91
C SER B 13 -4.77 19.75 13.93
N ARG B 14 -5.55 20.77 13.58
CA ARG B 14 -6.58 21.30 14.46
C ARG B 14 -7.92 20.60 14.28
N ILE B 15 -7.95 19.52 13.50
CA ILE B 15 -9.19 18.81 13.22
C ILE B 15 -9.35 17.68 14.23
N THR B 16 -10.50 17.62 14.87
CA THR B 16 -10.76 16.62 15.91
C THR B 16 -12.02 15.80 15.67
N THR B 17 -12.96 16.26 14.85
CA THR B 17 -14.16 15.53 14.51
C THR B 17 -14.24 15.25 13.01
N GLU B 18 -15.21 14.42 12.63
CA GLU B 18 -15.47 14.21 11.22
C GLU B 18 -16.17 15.41 10.60
N GLU B 19 -16.92 16.15 11.40
CA GLU B 19 -17.59 17.36 10.91
C GLU B 19 -16.56 18.42 10.51
N GLU B 20 -15.49 18.54 11.28
CA GLU B 20 -14.38 19.36 10.83
C GLU B 20 -13.70 18.74 9.61
N PHE B 21 -13.56 17.43 9.58
CA PHE B 21 -12.97 16.77 8.42
C PHE B 21 -13.86 16.95 7.20
N PHE B 22 -15.15 16.66 7.35
CA PHE B 22 -16.12 16.90 6.29
C PHE B 22 -15.97 18.31 5.71
N SER B 23 -15.91 19.33 6.58
CA SER B 23 -15.84 20.71 6.11
C SER B 23 -14.57 20.98 5.33
N LEU B 24 -13.44 20.43 5.77
CA LEU B 24 -12.19 20.61 5.03
C LEU B 24 -12.30 20.08 3.60
N VAL B 25 -12.74 18.83 3.44
CA VAL B 25 -12.80 18.24 2.11
C VAL B 25 -13.83 18.96 1.25
N LEU B 26 -14.89 19.47 1.87
CA LEU B 26 -15.87 20.19 1.09
C LEU B 26 -15.27 21.45 0.47
N GLU B 27 -14.40 22.14 1.21
CA GLU B 27 -13.78 23.35 0.70
C GLU B 27 -12.71 23.03 -0.33
N ILE B 28 -11.98 21.95 -0.09
CA ILE B 28 -11.05 21.45 -1.12
C ILE B 28 -11.81 21.17 -2.40
N CYS B 29 -12.96 20.52 -2.29
CA CYS B 29 -13.83 20.26 -3.44
C CYS B 29 -14.15 21.55 -4.20
N GLY B 30 -14.81 22.49 -3.52
CA GLY B 30 -15.21 23.72 -4.19
C GLY B 30 -14.04 24.52 -4.70
N ASN B 31 -13.01 24.70 -3.87
CA ASN B 31 -11.87 25.50 -4.29
C ASN B 31 -11.17 24.93 -5.52
N TYR B 32 -11.52 23.71 -5.91
CA TYR B 32 -10.84 23.01 -7.00
C TYR B 32 -11.78 22.66 -8.13
N GLY B 33 -13.01 23.18 -8.11
CA GLY B 33 -13.87 23.14 -9.27
C GLY B 33 -14.80 21.96 -9.37
N PHE B 34 -15.25 21.42 -8.25
CA PHE B 34 -16.10 20.25 -8.29
C PHE B 34 -17.35 20.45 -7.44
N GLU B 35 -18.37 19.69 -7.77
CA GLU B 35 -19.68 19.73 -7.13
C GLU B 35 -19.73 18.86 -5.87
N PHE B 36 -19.20 17.63 -5.97
CA PHE B 36 -19.38 16.60 -4.95
C PHE B 36 -18.05 16.01 -4.54
N PHE B 37 -18.02 15.48 -3.31
CA PHE B 37 -16.87 14.69 -2.88
C PHE B 37 -17.35 13.44 -2.16
N SER B 38 -16.48 12.45 -2.13
CA SER B 38 -16.59 11.40 -1.14
C SER B 38 -15.18 11.11 -0.65
N PHE B 39 -15.05 10.78 0.64
CA PHE B 39 -13.77 10.35 1.20
C PHE B 39 -14.03 9.25 2.20
N GLY B 40 -13.31 8.14 2.05
CA GLY B 40 -13.40 7.12 3.08
C GLY B 40 -12.23 6.17 3.07
N ALA B 41 -12.25 5.27 4.06
CA ALA B 41 -11.24 4.24 4.24
C ALA B 41 -11.90 2.88 4.30
N ARG B 42 -11.23 1.87 3.74
CA ARG B 42 -11.62 0.50 4.07
C ARG B 42 -10.78 0.01 5.24
N ALA B 43 -11.44 -0.54 6.25
CA ALA B 43 -10.73 -1.20 7.34
C ALA B 43 -10.21 -2.55 6.84
N PRO B 44 -8.96 -2.90 7.12
CA PRO B 44 -8.32 -4.01 6.39
C PRO B 44 -8.90 -5.38 6.70
N PHE B 45 -9.46 -5.55 7.89
CA PHE B 45 -10.06 -6.81 8.29
C PHE B 45 -11.26 -6.49 9.21
N PRO B 46 -12.15 -7.47 9.47
CA PRO B 46 -12.15 -8.89 9.05
C PRO B 46 -12.31 -9.02 7.55
N LEU B 47 -11.73 -10.06 6.97
CA LEU B 47 -11.70 -10.15 5.52
C LEU B 47 -12.98 -10.72 4.93
N THR B 48 -13.74 -11.47 5.73
CA THR B 48 -15.00 -12.03 5.24
C THR B 48 -16.04 -10.93 5.06
N ALA B 49 -16.06 -9.93 5.94
CA ALA B 49 -17.01 -8.82 5.87
C ALA B 49 -16.25 -7.50 5.97
N PRO B 50 -15.81 -6.94 4.85
CA PRO B 50 -15.00 -5.70 4.89
C PRO B 50 -15.91 -4.48 5.09
N LYS B 51 -15.52 -3.62 6.04
CA LYS B 51 -16.35 -2.50 6.45
C LYS B 51 -15.74 -1.18 5.98
N TYR B 52 -16.57 -0.36 5.33
CA TYR B 52 -16.15 0.96 4.85
C TYR B 52 -16.70 2.07 5.74
N HIS B 53 -15.87 3.08 5.99
N HIS B 53 -15.87 3.05 6.05
CA HIS B 53 -16.24 4.31 6.67
CA HIS B 53 -16.34 4.29 6.65
C HIS B 53 -15.95 5.47 5.73
C HIS B 53 -15.97 5.43 5.72
N PHE B 54 -16.99 6.09 5.19
CA PHE B 54 -16.78 7.19 4.26
C PHE B 54 -17.74 8.33 4.58
N LEU B 55 -17.32 9.53 4.19
CA LEU B 55 -18.12 10.75 4.20
C LEU B 55 -18.37 11.16 2.76
N SER B 56 -19.44 11.91 2.55
CA SER B 56 -19.69 12.49 1.23
C SER B 56 -20.77 13.54 1.34
N ASN B 57 -20.88 14.34 0.28
CA ASN B 57 -21.90 15.37 0.17
C ASN B 57 -22.82 15.12 -1.01
N TYR B 58 -22.83 13.89 -1.49
CA TYR B 58 -23.75 13.48 -2.54
C TYR B 58 -25.18 13.83 -2.13
N PRO B 59 -26.11 13.93 -3.08
CA PRO B 59 -27.52 14.04 -2.71
C PRO B 59 -27.89 12.98 -1.68
N GLY B 60 -28.65 13.41 -0.66
CA GLY B 60 -29.01 12.52 0.43
C GLY B 60 -29.77 11.29 -0.01
N GLU B 61 -30.57 11.42 -1.07
CA GLU B 61 -31.28 10.25 -1.59
C GLU B 61 -30.29 9.24 -2.16
N TRP B 62 -29.29 9.72 -2.90
CA TRP B 62 -28.24 8.83 -3.36
C TRP B 62 -27.48 8.20 -2.19
N LYS B 63 -27.30 8.94 -1.09
CA LYS B 63 -26.59 8.38 0.04
C LYS B 63 -27.35 7.20 0.63
N SER B 64 -28.66 7.34 0.81
CA SER B 64 -29.45 6.23 1.35
C SER B 64 -29.49 5.06 0.39
N ARG B 65 -29.74 5.32 -0.90
CA ARG B 65 -29.69 4.25 -1.89
C ARG B 65 -28.34 3.54 -1.85
N TYR B 66 -27.25 4.31 -1.88
CA TYR B 66 -25.93 3.72 -1.88
C TYR B 66 -25.72 2.85 -0.64
N ILE B 67 -26.26 3.26 0.50
CA ILE B 67 -26.04 2.48 1.71
C ILE B 67 -26.94 1.27 1.73
N SER B 68 -28.24 1.47 1.48
CA SER B 68 -29.18 0.35 1.49
C SER B 68 -28.77 -0.73 0.48
N GLU B 69 -28.44 -0.33 -0.74
CA GLU B 69 -28.07 -1.29 -1.77
C GLU B 69 -26.71 -1.91 -1.54
N ASP B 70 -25.97 -1.48 -0.51
CA ASP B 70 -24.61 -1.94 -0.26
C ASP B 70 -23.77 -1.77 -1.52
N TYR B 71 -23.84 -0.57 -2.07
CA TYR B 71 -23.24 -0.32 -3.37
C TYR B 71 -21.72 -0.27 -3.35
N THR B 72 -21.08 -0.32 -2.16
CA THR B 72 -19.63 -0.53 -2.15
C THR B 72 -19.27 -1.88 -2.74
N SER B 73 -20.20 -2.84 -2.64
CA SER B 73 -19.97 -4.19 -3.18
C SER B 73 -19.83 -4.17 -4.69
N ILE B 74 -20.47 -3.23 -5.38
CA ILE B 74 -20.48 -3.21 -6.83
C ILE B 74 -19.78 -1.99 -7.43
N ASP B 75 -19.65 -0.88 -6.69
CA ASP B 75 -19.09 0.38 -7.16
C ASP B 75 -17.72 0.15 -7.80
N PRO B 76 -17.59 0.32 -9.11
CA PRO B 76 -16.28 0.06 -9.73
C PRO B 76 -15.21 1.02 -9.25
N ILE B 77 -15.58 2.21 -8.78
CA ILE B 77 -14.59 3.13 -8.25
C ILE B 77 -13.98 2.57 -6.98
N VAL B 78 -14.82 1.94 -6.15
CA VAL B 78 -14.32 1.30 -4.94
C VAL B 78 -13.62 -0.02 -5.28
N ARG B 79 -14.25 -0.84 -6.11
CA ARG B 79 -13.68 -2.14 -6.44
C ARG B 79 -12.35 -2.02 -7.18
N HIS B 80 -12.19 -0.98 -8.00
CA HIS B 80 -10.94 -0.75 -8.70
C HIS B 80 -9.93 0.03 -7.87
N GLY B 81 -10.38 1.03 -7.11
CA GLY B 81 -9.48 1.73 -6.22
C GLY B 81 -8.82 0.85 -5.18
N LEU B 82 -9.30 -0.38 -4.99
CA LEU B 82 -8.66 -1.29 -4.05
C LEU B 82 -7.48 -1.98 -4.66
N LEU B 83 -7.45 -2.08 -5.99
CA LEU B 83 -6.41 -2.80 -6.70
C LEU B 83 -5.46 -1.91 -7.47
N GLU B 84 -5.87 -0.69 -7.82
CA GLU B 84 -4.98 0.28 -8.46
C GLU B 84 -4.56 1.31 -7.44
N TYR B 85 -3.30 1.73 -7.53
CA TYR B 85 -2.70 2.58 -6.52
C TYR B 85 -2.45 3.99 -7.05
N THR B 86 -3.05 4.32 -8.18
CA THR B 86 -2.80 5.57 -8.89
C THR B 86 -4.13 6.26 -9.19
N PRO B 87 -4.09 7.58 -9.43
CA PRO B 87 -5.34 8.33 -9.70
C PRO B 87 -6.02 7.90 -10.97
N LEU B 88 -7.35 7.99 -10.96
CA LEU B 88 -8.19 7.54 -12.06
C LEU B 88 -9.24 8.59 -12.37
N ILE B 89 -9.26 9.06 -13.61
CA ILE B 89 -10.28 9.98 -14.12
C ILE B 89 -11.40 9.13 -14.72
N TRP B 90 -12.65 9.41 -14.36
CA TRP B 90 -13.75 8.61 -14.89
C TRP B 90 -14.92 9.48 -15.35
N ASN B 91 -15.77 8.84 -16.15
CA ASN B 91 -16.97 9.42 -16.72
C ASN B 91 -18.07 8.38 -16.59
N GLY B 92 -19.12 8.69 -15.82
CA GLY B 92 -20.14 7.69 -15.56
C GLY B 92 -20.80 7.13 -16.81
N GLU B 93 -20.77 7.88 -17.91
CA GLU B 93 -21.41 7.41 -19.12
C GLU B 93 -20.61 6.33 -19.85
N ASP B 94 -19.36 6.06 -19.43
CA ASP B 94 -18.51 5.08 -20.10
C ASP B 94 -18.74 3.64 -19.66
N PHE B 95 -19.48 3.42 -18.57
CA PHE B 95 -19.59 2.08 -17.97
C PHE B 95 -20.81 1.33 -18.48
N GLN B 96 -20.58 0.12 -18.99
CA GLN B 96 -21.67 -0.71 -19.50
C GLN B 96 -22.04 -1.84 -18.55
N GLU B 97 -21.24 -2.10 -17.52
CA GLU B 97 -21.68 -2.97 -16.45
C GLU B 97 -22.25 -2.12 -15.32
N ASN B 98 -23.10 -2.74 -14.50
CA ASN B 98 -23.79 -2.04 -13.42
C ASN B 98 -24.51 -0.81 -13.95
N ARG B 99 -25.02 -0.91 -15.17
CA ARG B 99 -25.62 0.26 -15.81
C ARG B 99 -26.76 0.84 -15.00
N PHE B 100 -27.40 0.03 -14.16
CA PHE B 100 -28.45 0.52 -13.25
C PHE B 100 -27.87 1.41 -12.16
N PHE B 101 -26.75 0.99 -11.56
CA PHE B 101 -26.04 1.81 -10.57
C PHE B 101 -25.61 3.14 -11.19
N TRP B 102 -25.05 3.09 -12.40
CA TRP B 102 -24.57 4.28 -13.10
C TRP B 102 -25.70 5.15 -13.60
N GLU B 103 -26.87 4.57 -13.88
CA GLU B 103 -27.97 5.39 -14.37
C GLU B 103 -28.48 6.32 -13.29
N GLU B 104 -28.77 5.79 -12.11
CA GLU B 104 -29.22 6.65 -11.03
C GLU B 104 -28.09 7.49 -10.44
N ALA B 105 -26.84 7.07 -10.57
CA ALA B 105 -25.73 7.97 -10.22
C ALA B 105 -25.67 9.14 -11.17
N LEU B 106 -25.70 8.88 -12.48
CA LEU B 106 -25.75 9.96 -13.46
C LEU B 106 -26.97 10.82 -13.22
N HIS B 107 -28.08 10.21 -12.82
CA HIS B 107 -29.29 10.96 -12.54
C HIS B 107 -29.06 12.03 -11.50
N HIS B 108 -28.11 11.80 -10.59
CA HIS B 108 -27.85 12.73 -9.51
C HIS B 108 -26.72 13.72 -9.83
N GLY B 109 -26.21 13.74 -11.06
CA GLY B 109 -25.05 14.54 -11.40
C GLY B 109 -23.71 13.94 -11.08
N ILE B 110 -23.67 12.67 -10.69
CA ILE B 110 -22.40 12.03 -10.30
C ILE B 110 -21.84 11.43 -11.58
N ARG B 111 -21.15 12.28 -12.35
CA ARG B 111 -20.83 11.95 -13.74
C ARG B 111 -19.35 11.99 -14.04
N HIS B 112 -18.69 13.12 -13.78
CA HIS B 112 -17.27 13.29 -14.10
C HIS B 112 -16.47 13.27 -12.81
N GLY B 113 -15.73 12.18 -12.60
CA GLY B 113 -15.04 11.96 -11.35
C GLY B 113 -13.53 11.95 -11.44
N TRP B 114 -12.89 12.16 -10.31
CA TRP B 114 -11.45 12.09 -10.18
C TRP B 114 -11.16 11.40 -8.86
N SER B 115 -10.64 10.18 -8.92
CA SER B 115 -10.55 9.35 -7.72
C SER B 115 -9.10 9.04 -7.43
N ILE B 116 -8.71 9.25 -6.17
CA ILE B 116 -7.32 9.23 -5.74
C ILE B 116 -7.17 8.25 -4.60
N PRO B 117 -6.75 7.01 -4.88
CA PRO B 117 -6.53 6.02 -3.81
C PRO B 117 -5.14 6.11 -3.20
N VAL B 118 -5.09 5.97 -1.88
CA VAL B 118 -3.83 5.92 -1.16
C VAL B 118 -3.87 4.80 -0.13
N ARG B 119 -2.75 4.12 0.04
CA ARG B 119 -2.58 3.17 1.14
C ARG B 119 -1.91 3.91 2.29
N GLY B 120 -2.34 3.64 3.52
CA GLY B 120 -1.75 4.32 4.64
C GLY B 120 -1.39 3.38 5.77
N LYS B 121 -0.98 3.94 6.90
CA LYS B 121 -0.66 3.14 8.08
C LYS B 121 -1.86 2.30 8.48
N TYR B 122 -1.58 1.07 8.93
CA TYR B 122 -2.53 0.19 9.59
C TYR B 122 -3.40 -0.59 8.61
N GLY B 123 -2.97 -0.74 7.36
CA GLY B 123 -3.81 -1.42 6.39
C GLY B 123 -5.03 -0.66 5.94
N LEU B 124 -5.16 0.61 6.32
CA LEU B 124 -6.21 1.45 5.77
C LEU B 124 -5.92 1.75 4.31
N ILE B 125 -6.94 1.62 3.49
CA ILE B 125 -6.91 2.08 2.10
C ILE B 125 -7.97 3.16 1.97
N SER B 126 -7.53 4.36 1.60
CA SER B 126 -8.39 5.53 1.55
C SER B 126 -8.50 6.05 0.13
N MET B 127 -9.61 6.71 -0.15
CA MET B 127 -9.83 7.28 -1.46
C MET B 127 -10.52 8.62 -1.35
N LEU B 128 -9.97 9.61 -2.04
CA LEU B 128 -10.62 10.89 -2.27
C LEU B 128 -11.19 10.89 -3.69
N SER B 129 -12.49 11.22 -3.81
CA SER B 129 -13.19 11.31 -5.09
C SER B 129 -13.83 12.69 -5.22
N LEU B 130 -13.49 13.41 -6.28
CA LEU B 130 -14.10 14.70 -6.60
C LEU B 130 -14.89 14.55 -7.88
N VAL B 131 -16.13 15.03 -7.85
CA VAL B 131 -17.11 14.79 -8.90
C VAL B 131 -17.80 16.10 -9.26
N ARG B 132 -18.28 16.19 -10.51
CA ARG B 132 -19.14 17.26 -10.97
C ARG B 132 -20.05 16.69 -12.06
N SER B 133 -21.20 17.33 -12.24
CA SER B 133 -22.21 16.85 -13.17
C SER B 133 -21.95 17.23 -14.63
N SER B 134 -21.00 18.12 -14.91
CA SER B 134 -20.77 18.56 -16.28
C SER B 134 -19.35 19.09 -16.40
N GLU B 135 -18.93 19.30 -17.66
CA GLU B 135 -17.59 19.77 -18.01
C GLU B 135 -16.57 18.65 -17.81
N SER B 136 -16.11 18.07 -18.91
CA SER B 136 -15.12 17.01 -18.85
C SER B 136 -13.89 17.49 -18.09
N ILE B 137 -13.16 16.55 -17.51
CA ILE B 137 -11.93 16.90 -16.79
C ILE B 137 -10.81 17.05 -17.82
N ALA B 138 -10.36 18.29 -18.02
CA ALA B 138 -9.39 18.59 -19.06
C ALA B 138 -8.07 17.85 -18.83
N ALA B 139 -7.33 17.64 -19.92
CA ALA B 139 -5.95 17.16 -19.78
C ALA B 139 -5.05 18.25 -19.18
N THR B 140 -5.34 19.52 -19.48
CA THR B 140 -4.64 20.65 -18.88
C THR B 140 -5.04 20.87 -17.43
N GLU B 141 -6.29 20.53 -17.08
CA GLU B 141 -6.74 20.55 -15.69
C GLU B 141 -6.03 19.50 -14.85
N ILE B 142 -5.65 18.38 -15.45
CA ILE B 142 -4.99 17.31 -14.71
C ILE B 142 -3.64 17.79 -14.19
N LEU B 143 -2.74 18.19 -15.11
CA LEU B 143 -1.41 18.61 -14.69
C LEU B 143 -1.45 19.78 -13.71
N GLU B 144 -2.43 20.69 -13.85
CA GLU B 144 -2.49 21.82 -12.94
C GLU B 144 -2.89 21.40 -11.53
N LYS B 145 -3.60 20.28 -11.39
CA LYS B 145 -4.15 19.91 -10.10
C LYS B 145 -3.65 18.57 -9.57
N GLU B 146 -3.05 17.72 -10.41
CA GLU B 146 -2.75 16.35 -10.00
C GLU B 146 -1.80 16.31 -8.81
N SER B 147 -0.77 17.16 -8.82
CA SER B 147 0.21 17.12 -7.74
C SER B 147 -0.41 17.54 -6.41
N PHE B 148 -1.28 18.54 -6.41
CA PHE B 148 -1.87 18.93 -5.13
C PHE B 148 -2.90 17.93 -4.63
N LEU B 149 -3.71 17.38 -5.52
CA LEU B 149 -4.72 16.42 -5.09
C LEU B 149 -4.07 15.15 -4.55
N LEU B 150 -3.07 14.64 -5.26
CA LEU B 150 -2.26 13.54 -4.75
C LEU B 150 -1.67 13.87 -3.37
N TRP B 151 -1.15 15.09 -3.21
CA TRP B 151 -0.50 15.44 -1.95
C TRP B 151 -1.50 15.57 -0.82
N ILE B 152 -2.59 16.32 -1.04
CA ILE B 152 -3.59 16.55 0.00
C ILE B 152 -4.25 15.24 0.43
N THR B 153 -4.44 14.28 -0.49
CA THR B 153 -5.09 13.03 -0.14
C THR B 153 -4.21 12.18 0.78
N SER B 154 -2.89 12.25 0.62
CA SER B 154 -2.04 11.52 1.54
C SER B 154 -1.97 12.20 2.90
N MET B 155 -2.28 13.50 2.95
CA MET B 155 -2.48 14.18 4.23
C MET B 155 -3.85 13.84 4.83
N LEU B 156 -4.90 13.91 4.02
CA LEU B 156 -6.22 13.53 4.51
C LEU B 156 -6.24 12.11 5.03
N GLN B 157 -5.64 11.19 4.27
CA GLN B 157 -5.55 9.81 4.68
C GLN B 157 -4.97 9.68 6.08
N ALA B 158 -3.89 10.41 6.37
CA ALA B 158 -3.29 10.38 7.70
C ALA B 158 -4.23 10.94 8.77
N THR B 159 -4.87 12.07 8.50
CA THR B 159 -5.75 12.66 9.50
C THR B 159 -7.01 11.81 9.68
N PHE B 160 -7.61 11.38 8.56
CA PHE B 160 -8.76 10.48 8.65
C PHE B 160 -8.37 9.18 9.35
N GLY B 161 -7.13 8.73 9.12
CA GLY B 161 -6.57 7.61 9.85
C GLY B 161 -6.46 7.89 11.32
N ASP B 162 -5.64 8.89 11.70
CA ASP B 162 -5.51 9.28 13.11
C ASP B 162 -6.86 9.45 13.78
N LEU B 163 -7.87 9.91 13.04
CA LEU B 163 -9.18 10.17 13.62
C LEU B 163 -9.91 8.87 13.95
N LEU B 164 -10.10 8.00 12.96
CA LEU B 164 -11.01 6.87 13.07
C LEU B 164 -10.35 5.53 13.40
N ALA B 165 -9.04 5.38 13.15
CA ALA B 165 -8.38 4.08 13.33
C ALA B 165 -8.63 3.44 14.68
N PRO B 166 -8.49 4.13 15.82
CA PRO B 166 -8.67 3.44 17.12
C PRO B 166 -10.03 2.78 17.28
N ARG B 167 -10.98 3.10 16.40
CA ARG B 167 -12.28 2.46 16.39
C ARG B 167 -12.49 1.56 15.19
N ILE B 168 -12.08 1.99 14.00
CA ILE B 168 -12.36 1.22 12.79
C ILE B 168 -11.31 0.15 12.55
N VAL B 169 -10.15 0.26 13.19
CA VAL B 169 -9.21 -0.87 13.31
C VAL B 169 -8.59 -0.81 14.70
N PRO B 170 -9.24 -1.41 15.71
CA PRO B 170 -8.75 -1.29 17.09
C PRO B 170 -7.35 -1.85 17.30
N GLU B 171 -6.98 -2.92 16.61
CA GLU B 171 -5.67 -3.51 16.75
C GLU B 171 -4.56 -2.61 16.24
N SER B 172 -4.91 -1.44 15.71
CA SER B 172 -3.91 -0.45 15.30
C SER B 172 -3.00 -0.03 16.45
N ASN B 173 -3.39 -0.25 17.70
CA ASN B 173 -2.56 0.13 18.84
C ASN B 173 -1.56 -0.94 19.25
N VAL B 174 -1.69 -2.15 18.70
CA VAL B 174 -0.88 -3.29 19.11
C VAL B 174 0.57 -3.10 18.67
N ARG B 175 1.49 -3.44 19.58
CA ARG B 175 2.91 -3.54 19.32
C ARG B 175 3.36 -4.90 19.82
N LEU B 176 4.13 -5.61 19.00
CA LEU B 176 4.58 -6.95 19.31
C LEU B 176 6.05 -6.95 19.68
N THR B 177 6.45 -7.86 20.57
CA THR B 177 7.87 -8.03 20.83
C THR B 177 8.56 -8.52 19.56
N ALA B 178 9.90 -8.49 19.59
CA ALA B 178 10.62 -9.07 18.46
C ALA B 178 10.37 -10.57 18.39
N ARG B 179 10.36 -11.23 19.54
CA ARG B 179 10.09 -12.65 19.58
C ARG B 179 8.69 -12.94 19.04
N GLU B 180 7.69 -12.21 19.53
CA GLU B 180 6.32 -12.36 19.02
C GLU B 180 6.27 -12.14 17.51
N THR B 181 7.00 -11.13 17.01
CA THR B 181 6.95 -10.79 15.60
C THR B 181 7.45 -11.95 14.74
N GLU B 182 8.48 -12.66 15.22
CA GLU B 182 9.06 -13.77 14.46
C GLU B 182 8.18 -15.00 14.50
N MET B 183 7.56 -15.29 15.64
CA MET B 183 6.58 -16.38 15.72
C MET B 183 5.49 -16.22 14.67
N LEU B 184 4.98 -15.00 14.49
CA LEU B 184 3.90 -14.81 13.53
C LEU B 184 4.41 -14.85 12.10
N LYS B 185 5.67 -14.48 11.88
CA LYS B 185 6.22 -14.56 10.54
C LYS B 185 6.32 -16.01 10.09
N TRP B 186 6.78 -16.89 10.98
CA TRP B 186 6.81 -18.29 10.63
C TRP B 186 5.42 -18.91 10.62
N THR B 187 4.50 -18.44 11.46
CA THR B 187 3.14 -18.94 11.41
C THR B 187 2.44 -18.49 10.13
N ALA B 188 2.91 -17.41 9.52
CA ALA B 188 2.35 -16.95 8.26
C ALA B 188 2.59 -17.94 7.13
N VAL B 189 3.77 -18.57 7.09
CA VAL B 189 4.05 -19.57 6.06
C VAL B 189 3.59 -20.94 6.53
N GLY B 190 2.81 -20.99 7.60
CA GLY B 190 2.18 -22.22 8.01
C GLY B 190 3.00 -23.16 8.87
N LYS B 191 4.10 -22.70 9.47
CA LYS B 191 4.90 -23.58 10.33
C LYS B 191 4.15 -23.93 11.60
N THR B 192 4.31 -25.16 12.06
CA THR B 192 3.81 -25.57 13.37
C THR B 192 4.68 -24.99 14.49
N TYR B 193 4.13 -25.07 15.70
CA TYR B 193 4.89 -24.73 16.90
C TYR B 193 6.23 -25.47 16.92
N GLY B 194 6.21 -26.76 16.60
CA GLY B 194 7.44 -27.54 16.65
C GLY B 194 8.44 -27.15 15.58
N GLU B 195 7.96 -26.92 14.35
CA GLU B 195 8.87 -26.49 13.30
C GLU B 195 9.53 -25.16 13.64
N ILE B 196 8.81 -24.23 14.26
CA ILE B 196 9.40 -22.94 14.65
C ILE B 196 10.44 -23.13 15.74
N GLY B 197 10.11 -23.90 16.78
CA GLY B 197 11.08 -24.22 17.82
C GLY B 197 12.35 -24.84 17.26
N LEU B 198 12.20 -25.75 16.30
CA LEU B 198 13.36 -26.34 15.63
C LEU B 198 14.19 -25.27 14.90
N ILE B 199 13.52 -24.44 14.11
CA ILE B 199 14.17 -23.43 13.30
C ILE B 199 14.94 -22.43 14.17
N LEU B 200 14.34 -22.02 15.29
CA LEU B 200 14.89 -20.99 16.16
C LEU B 200 15.47 -21.55 17.45
N SER B 201 15.59 -22.87 17.58
CA SER B 201 16.25 -23.54 18.71
C SER B 201 15.71 -23.05 20.04
N ILE B 202 14.38 -23.15 20.18
CA ILE B 202 13.69 -22.92 21.43
C ILE B 202 12.60 -23.97 21.58
N ASP B 203 11.97 -23.96 22.75
CA ASP B 203 11.01 -24.99 23.10
C ASP B 203 9.63 -24.68 22.51
N GLN B 204 8.93 -25.74 22.11
CA GLN B 204 7.53 -25.63 21.68
C GLN B 204 6.66 -24.92 22.71
N ARG B 205 6.96 -25.08 24.00
CA ARG B 205 6.20 -24.41 25.04
C ARG B 205 6.42 -22.90 24.99
N THR B 206 7.65 -22.47 24.71
CA THR B 206 7.95 -21.06 24.58
C THR B 206 7.32 -20.45 23.33
N VAL B 207 7.30 -21.21 22.23
CA VAL B 207 6.71 -20.73 20.98
C VAL B 207 5.23 -20.44 21.18
N LYS B 208 4.50 -21.43 21.72
CA LYS B 208 3.11 -21.24 22.11
C LYS B 208 2.93 -19.95 22.89
N PHE B 209 3.74 -19.82 23.94
CA PHE B 209 3.63 -18.72 24.88
C PHE B 209 3.68 -17.38 24.17
N HIS B 210 4.59 -17.23 23.21
CA HIS B 210 4.72 -15.96 22.49
C HIS B 210 3.56 -15.75 21.54
N ILE B 211 3.12 -16.82 20.85
CA ILE B 211 1.97 -16.69 19.97
C ILE B 211 0.71 -16.40 20.77
N VAL B 212 0.60 -17.00 21.95
CA VAL B 212 -0.60 -16.78 22.75
C VAL B 212 -0.64 -15.34 23.28
N ASN B 213 0.52 -14.77 23.62
CA ASN B 213 0.53 -13.36 24.01
C ASN B 213 0.05 -12.48 22.88
N ALA B 214 0.51 -12.76 21.66
CA ALA B 214 0.21 -11.92 20.52
C ALA B 214 -1.23 -12.08 20.06
N MET B 215 -1.78 -13.30 20.18
CA MET B 215 -3.20 -13.50 19.87
C MET B 215 -4.07 -12.62 20.74
N ARG B 216 -3.74 -12.53 22.02
CA ARG B 216 -4.57 -11.77 22.95
C ARG B 216 -4.44 -10.28 22.67
N LYS B 217 -3.21 -9.80 22.49
CA LYS B 217 -3.00 -8.43 22.04
C LYS B 217 -3.84 -8.12 20.81
N LEU B 218 -3.97 -9.08 19.90
CA LEU B 218 -4.66 -8.88 18.62
C LEU B 218 -6.12 -9.32 18.66
N ASN B 219 -6.71 -9.45 19.83
CA ASN B 219 -8.08 -9.91 20.03
C ASN B 219 -8.46 -10.94 18.97
N SER B 220 -7.69 -12.02 18.92
CA SER B 220 -7.91 -13.12 18.00
C SER B 220 -8.08 -14.41 18.80
N SER B 221 -8.85 -15.35 18.23
CA SER B 221 -9.16 -16.63 18.87
C SER B 221 -8.28 -17.79 18.40
N ASN B 222 -7.64 -17.69 17.23
CA ASN B 222 -6.63 -18.65 16.84
C ASN B 222 -5.48 -17.90 16.20
N LYS B 223 -4.37 -18.60 16.02
CA LYS B 223 -3.16 -17.92 15.60
C LYS B 223 -3.17 -17.59 14.11
N ALA B 224 -3.93 -18.34 13.31
CA ALA B 224 -4.03 -18.00 11.90
C ALA B 224 -4.72 -16.66 11.72
N GLU B 225 -5.72 -16.37 12.56
CA GLU B 225 -6.41 -15.09 12.53
C GLU B 225 -5.50 -13.96 13.01
N ALA B 226 -4.83 -14.17 14.14
CA ALA B 226 -3.86 -13.21 14.65
C ALA B 226 -2.77 -12.92 13.63
N THR B 227 -2.22 -13.95 13.01
CA THR B 227 -1.17 -13.77 12.00
C THR B 227 -1.65 -12.88 10.87
N MET B 228 -2.81 -13.16 10.31
CA MET B 228 -3.29 -12.39 9.18
C MET B 228 -3.49 -10.92 9.57
N LYS B 229 -3.89 -10.68 10.81
CA LYS B 229 -4.04 -9.31 11.31
C LYS B 229 -2.68 -8.61 11.40
N ALA B 230 -1.70 -9.26 12.04
CA ALA B 230 -0.39 -8.65 12.20
C ALA B 230 0.23 -8.29 10.85
N TYR B 231 0.04 -9.15 9.86
CA TYR B 231 0.52 -8.84 8.52
C TYR B 231 -0.22 -7.63 7.98
N ALA B 232 -1.56 -7.68 8.01
CA ALA B 232 -2.41 -6.67 7.41
C ALA B 232 -2.17 -5.29 8.01
N ILE B 233 -1.87 -5.25 9.32
CA ILE B 233 -1.59 -4.00 10.04
C ILE B 233 -0.21 -3.45 9.72
N GLY B 234 0.69 -4.28 9.21
CA GLY B 234 2.08 -3.91 9.02
C GLY B 234 2.98 -4.33 10.15
N LEU B 235 2.47 -5.12 11.10
CA LEU B 235 3.27 -5.51 12.25
C LEU B 235 4.37 -6.49 11.86
N LEU B 236 4.15 -7.25 10.80
CA LEU B 236 5.16 -8.06 10.17
C LEU B 236 5.70 -7.25 9.01
N ASN B 237 6.99 -6.93 9.06
CA ASN B 237 7.63 -6.04 8.08
C ASN B 237 9.13 -5.90 8.35
#